data_5SBT
#
_entry.id   5SBT
#
_cell.length_a   31.020
_cell.length_b   82.040
_cell.length_c   32.120
_cell.angle_alpha   90.000
_cell.angle_beta   117.890
_cell.angle_gamma   90.000
#
_symmetry.space_group_name_H-M   'P 1 21 1'
#
loop_
_entity.id
_entity.type
_entity.pdbx_description
1 polymer 'CD44 antigen'
2 non-polymer "N-[(3R)-1,1-dioxo-1lambda~6~-thiolan-3-yl]-N-methyl-N'-propan-2-ylurea"
3 non-polymer 'DIMETHYL SULFOXIDE'
4 non-polymer 1,2-ETHANEDIOL
5 water water
#
_entity_poly.entity_id   1
_entity_poly.type   'polypeptide(L)'
_entity_poly.pdbx_seq_one_letter_code
;MNQIDLNVTCRYAGVFHVEKNGRYSISRTEAADLCQAFNSTLPTMDQMKLALSKGFETCRYGFIEGNVVIPRIHPNAICA
ANHTGVYILVTSNTSHYDTYCFNASAPPEEDCTSVTDLPNSFDGPVTITIVNRDGTRYSKKGEYRTHQEDID
;
_entity_poly.pdbx_strand_id   A
#
# COMPACT_ATOMS: atom_id res chain seq x y z
N ASN A 2 10.67 13.29 13.94
CA ASN A 2 9.95 13.38 12.66
C ASN A 2 10.14 12.06 11.92
N GLN A 3 9.26 11.07 12.19
CA GLN A 3 9.42 9.71 11.68
C GLN A 3 8.10 9.18 11.15
N ILE A 4 8.17 8.39 10.07
CA ILE A 4 7.02 7.69 9.50
C ILE A 4 7.45 6.26 9.29
N ASP A 5 6.63 5.31 9.75
CA ASP A 5 6.84 3.88 9.50
C ASP A 5 5.87 3.48 8.39
N LEU A 6 6.39 2.72 7.42
CA LEU A 6 5.58 2.18 6.32
C LEU A 6 5.74 0.68 6.34
N ASN A 7 4.69 -0.03 6.77
CA ASN A 7 4.72 -1.50 6.78
C ASN A 7 4.29 -1.96 5.39
N VAL A 8 5.10 -2.79 4.74
CA VAL A 8 4.81 -3.26 3.38
C VAL A 8 4.72 -4.78 3.33
N THR A 9 4.10 -5.30 2.28
CA THR A 9 3.94 -6.73 2.10
C THR A 9 4.76 -7.25 0.92
N CYS A 10 4.67 -8.58 0.70
CA CYS A 10 4.97 -9.23 -0.57
C CYS A 10 4.24 -8.47 -1.69
N ARG A 11 4.81 -8.57 -2.89
CA ARG A 11 4.16 -8.10 -4.10
C ARG A 11 3.58 -9.30 -4.84
N TYR A 12 2.40 -9.12 -5.41
CA TYR A 12 1.71 -10.15 -6.20
C TYR A 12 1.35 -9.54 -7.52
N ALA A 13 2.00 -9.97 -8.62
CA ALA A 13 1.82 -9.32 -9.92
C ALA A 13 2.01 -7.78 -9.79
N GLY A 14 2.99 -7.40 -8.96
CA GLY A 14 3.36 -6.00 -8.74
C GLY A 14 2.55 -5.24 -7.71
N VAL A 15 1.49 -5.83 -7.20
CA VAL A 15 0.61 -5.16 -6.24
C VAL A 15 1.04 -5.47 -4.79
N PHE A 16 1.11 -4.45 -3.95
CA PHE A 16 1.44 -4.64 -2.54
C PHE A 16 0.63 -3.69 -1.68
N HIS A 17 0.61 -3.97 -0.37
CA HIS A 17 -0.11 -3.17 0.61
C HIS A 17 0.87 -2.37 1.46
N VAL A 18 0.50 -1.14 1.79
CA VAL A 18 1.28 -0.24 2.63
C VAL A 18 0.37 0.30 3.73
N GLU A 19 0.81 0.12 4.98
CA GLU A 19 0.13 0.66 6.17
C GLU A 19 1.05 1.70 6.81
N LYS A 20 0.53 2.92 7.06
CA LYS A 20 1.33 3.99 7.66
CA LYS A 20 1.35 3.95 7.66
C LYS A 20 1.13 4.08 9.16
N ASN A 21 2.24 4.04 9.91
CA ASN A 21 2.23 4.24 11.37
C ASN A 21 1.28 3.30 12.13
N GLY A 22 1.07 2.12 11.60
CA GLY A 22 0.29 1.09 12.27
C GLY A 22 -1.16 1.40 12.52
N ARG A 23 -1.73 2.31 11.73
CA ARG A 23 -3.14 2.61 11.84
CA ARG A 23 -3.12 2.76 11.88
C ARG A 23 -3.64 3.16 10.51
N TYR A 24 -4.96 3.15 10.32
CA TYR A 24 -5.54 3.69 9.08
C TYR A 24 -5.30 5.20 9.11
N SER A 25 -4.44 5.70 8.25
CA SER A 25 -3.99 7.10 8.39
C SER A 25 -3.61 7.79 7.11
N ILE A 26 -3.97 7.19 5.96
CA ILE A 26 -3.59 7.77 4.68
C ILE A 26 -4.83 8.33 3.96
N SER A 27 -4.75 9.54 3.43
CA SER A 27 -5.80 10.10 2.59
C SER A 27 -5.61 9.63 1.14
N ARG A 28 -6.61 9.82 0.26
CA ARG A 28 -6.42 9.44 -1.14
C ARG A 28 -5.25 10.23 -1.80
N THR A 29 -5.13 11.53 -1.54
CA THR A 29 -4.01 12.31 -2.12
C THR A 29 -2.67 11.81 -1.63
N GLU A 30 -2.58 11.51 -0.34
CA GLU A 30 -1.32 11.00 0.24
CA GLU A 30 -1.34 11.01 0.22
C GLU A 30 -0.99 9.63 -0.34
N ALA A 31 -2.02 8.80 -0.60
CA ALA A 31 -1.79 7.48 -1.13
C ALA A 31 -1.13 7.53 -2.51
N ALA A 32 -1.61 8.43 -3.37
CA ALA A 32 -0.99 8.54 -4.70
C ALA A 32 0.46 8.99 -4.59
N ASP A 33 0.75 9.92 -3.67
CA ASP A 33 2.12 10.41 -3.49
C ASP A 33 3.00 9.31 -2.91
N LEU A 34 2.47 8.51 -1.99
CA LEU A 34 3.22 7.43 -1.36
CA LEU A 34 3.20 7.41 -1.34
C LEU A 34 3.57 6.38 -2.40
N CYS A 35 2.60 5.99 -3.24
CA CYS A 35 2.94 5.01 -4.30
C CYS A 35 4.00 5.59 -5.25
N GLN A 36 3.91 6.87 -5.55
CA GLN A 36 4.91 7.51 -6.44
C GLN A 36 6.32 7.41 -5.87
N ALA A 37 6.48 7.47 -4.53
CA ALA A 37 7.80 7.32 -3.91
C ALA A 37 8.37 5.91 -4.09
N PHE A 38 7.51 4.91 -4.34
CA PHE A 38 7.95 3.56 -4.67
C PHE A 38 7.98 3.35 -6.19
N ASN A 39 8.01 4.43 -7.02
CA ASN A 39 7.93 4.30 -8.49
C ASN A 39 6.71 3.45 -8.90
N SER A 40 5.61 3.66 -8.19
CA SER A 40 4.40 2.86 -8.30
C SER A 40 3.18 3.77 -8.45
N THR A 41 2.04 3.16 -8.74
CA THR A 41 0.80 3.89 -8.88
C THR A 41 -0.28 3.16 -8.08
N LEU A 42 -1.44 3.81 -7.86
CA LEU A 42 -2.56 3.09 -7.25
CA LEU A 42 -2.59 3.12 -7.26
C LEU A 42 -3.02 2.03 -8.24
N PRO A 43 -3.21 0.77 -7.81
CA PRO A 43 -3.62 -0.27 -8.76
C PRO A 43 -4.97 0.01 -9.39
N THR A 44 -5.17 -0.44 -10.63
CA THR A 44 -6.51 -0.48 -11.21
C THR A 44 -7.21 -1.71 -10.59
N MET A 45 -8.53 -1.76 -10.72
CA MET A 45 -9.28 -2.93 -10.29
C MET A 45 -8.79 -4.20 -11.02
N ASP A 46 -8.54 -4.12 -12.35
CA ASP A 46 -8.03 -5.28 -13.08
C ASP A 46 -6.66 -5.72 -12.53
N GLN A 47 -5.75 -4.78 -12.24
CA GLN A 47 -4.46 -5.19 -11.68
C GLN A 47 -4.64 -5.87 -10.29
N MET A 48 -5.56 -5.34 -9.45
CA MET A 48 -5.81 -5.95 -8.16
C MET A 48 -6.41 -7.35 -8.30
N LYS A 49 -7.34 -7.54 -9.25
CA LYS A 49 -7.93 -8.88 -9.46
C LYS A 49 -6.88 -9.89 -9.92
N LEU A 50 -5.92 -9.47 -10.76
CA LEU A 50 -4.87 -10.40 -11.15
C LEU A 50 -3.97 -10.73 -9.93
N ALA A 51 -3.65 -9.71 -9.10
CA ALA A 51 -2.85 -9.95 -7.88
C ALA A 51 -3.54 -10.95 -6.97
N LEU A 52 -4.87 -10.81 -6.75
CA LEU A 52 -5.68 -11.73 -5.95
CA LEU A 52 -5.61 -11.73 -5.92
C LEU A 52 -5.51 -13.15 -6.49
N SER A 53 -5.61 -13.31 -7.81
CA SER A 53 -5.49 -14.64 -8.44
C SER A 53 -4.14 -15.30 -8.23
N LYS A 54 -3.09 -14.49 -8.00
CA LYS A 54 -1.74 -15.01 -7.73
C LYS A 54 -1.48 -15.31 -6.25
N GLY A 55 -2.45 -15.01 -5.37
CA GLY A 55 -2.30 -15.33 -3.96
C GLY A 55 -2.38 -14.16 -2.99
N PHE A 56 -2.71 -12.95 -3.46
CA PHE A 56 -2.78 -11.78 -2.59
C PHE A 56 -4.02 -11.68 -1.78
N GLU A 57 -3.88 -11.56 -0.46
CA GLU A 57 -4.99 -11.21 0.40
C GLU A 57 -4.50 -10.43 1.59
N THR A 58 -5.33 -9.51 2.08
CA THR A 58 -5.02 -8.79 3.34
C THR A 58 -6.31 -8.79 4.20
N CYS A 59 -6.21 -8.22 5.41
CA CYS A 59 -7.37 -7.98 6.22
C CYS A 59 -7.50 -6.48 6.53
N ARG A 60 -7.13 -5.63 5.57
CA ARG A 60 -7.14 -4.18 5.79
C ARG A 60 -7.69 -3.43 4.58
N TYR A 61 -8.50 -2.40 4.84
CA TYR A 61 -8.98 -1.53 3.77
C TYR A 61 -7.84 -0.68 3.21
N GLY A 62 -7.79 -0.56 1.89
CA GLY A 62 -6.80 0.31 1.27
C GLY A 62 -7.26 0.82 -0.09
N PHE A 63 -6.77 2.02 -0.44
CA PHE A 63 -7.08 2.58 -1.74
C PHE A 63 -6.52 1.78 -2.91
N ILE A 64 -7.34 1.69 -3.95
CA ILE A 64 -6.94 1.40 -5.31
C ILE A 64 -7.44 2.62 -6.10
N GLU A 65 -7.27 2.62 -7.43
CA GLU A 65 -7.82 3.66 -8.27
CA GLU A 65 -7.82 3.69 -8.22
C GLU A 65 -9.35 3.53 -8.22
N GLY A 66 -10.03 4.55 -7.74
CA GLY A 66 -11.47 4.56 -7.75
C GLY A 66 -12.21 3.98 -6.58
N ASN A 67 -11.60 3.10 -5.79
CA ASN A 67 -12.32 2.50 -4.67
C ASN A 67 -11.41 2.21 -3.51
N VAL A 68 -12.00 1.78 -2.40
CA VAL A 68 -11.29 1.29 -1.22
C VAL A 68 -11.68 -0.17 -1.08
N VAL A 69 -10.69 -1.07 -0.98
CA VAL A 69 -10.96 -2.50 -1.08
C VAL A 69 -10.17 -3.34 -0.10
N ILE A 70 -10.56 -4.63 0.00
CA ILE A 70 -9.82 -5.67 0.68
C ILE A 70 -9.78 -6.90 -0.22
N PRO A 71 -8.60 -7.32 -0.73
CA PRO A 71 -8.56 -8.58 -1.47
C PRO A 71 -8.65 -9.77 -0.49
N ARG A 72 -9.58 -10.71 -0.76
CA ARG A 72 -9.77 -11.88 0.11
C ARG A 72 -9.76 -13.18 -0.67
N ILE A 73 -8.99 -14.13 -0.19
CA ILE A 73 -8.97 -15.49 -0.77
C ILE A 73 -9.77 -16.39 0.16
N HIS A 74 -9.43 -16.43 1.45
CA HIS A 74 -10.07 -17.35 2.39
C HIS A 74 -11.14 -16.63 3.20
N PRO A 75 -12.37 -17.16 3.27
CA PRO A 75 -13.41 -16.47 4.05
C PRO A 75 -13.02 -16.39 5.53
N ASN A 76 -13.09 -15.20 6.10
CA ASN A 76 -12.80 -14.99 7.52
C ASN A 76 -13.84 -13.99 8.00
N ALA A 77 -14.56 -14.33 9.09
CA ALA A 77 -15.63 -13.47 9.58
C ALA A 77 -15.22 -12.05 9.96
N ILE A 78 -13.97 -11.85 10.38
CA ILE A 78 -13.50 -10.50 10.76
C ILE A 78 -12.72 -9.79 9.64
N CYS A 79 -12.73 -10.32 8.40
CA CYS A 79 -12.06 -9.67 7.28
C CYS A 79 -13.07 -9.55 6.16
N ALA A 80 -13.54 -8.35 5.86
CA ALA A 80 -14.51 -8.10 4.78
C ALA A 80 -15.78 -8.94 4.95
N ALA A 81 -16.27 -9.08 6.18
CA ALA A 81 -17.52 -9.78 6.46
C ALA A 81 -17.63 -11.16 5.80
N ASN A 82 -16.56 -11.96 5.83
CA ASN A 82 -16.53 -13.33 5.31
C ASN A 82 -16.58 -13.44 3.77
N HIS A 83 -16.40 -12.32 3.06
CA HIS A 83 -16.45 -12.37 1.61
C HIS A 83 -15.14 -12.84 1.01
N THR A 84 -15.20 -13.31 -0.24
CA THR A 84 -14.00 -13.60 -1.03
C THR A 84 -14.02 -12.70 -2.26
N GLY A 85 -12.89 -12.61 -2.93
CA GLY A 85 -12.73 -11.75 -4.08
C GLY A 85 -12.24 -10.39 -3.67
N VAL A 86 -12.25 -9.43 -4.60
CA VAL A 86 -11.89 -8.06 -4.24
C VAL A 86 -13.13 -7.43 -3.60
N TYR A 87 -13.12 -7.34 -2.27
CA TYR A 87 -14.27 -6.78 -1.56
C TYR A 87 -14.21 -5.29 -1.64
N ILE A 88 -15.30 -4.64 -2.06
CA ILE A 88 -15.34 -3.20 -2.19
C ILE A 88 -16.10 -2.56 -1.02
N LEU A 89 -15.44 -1.61 -0.33
CA LEU A 89 -16.10 -0.84 0.73
C LEU A 89 -17.17 0.04 0.09
N VAL A 90 -18.40 -0.10 0.59
CA VAL A 90 -19.55 0.66 0.08
C VAL A 90 -19.89 1.86 0.95
N THR A 91 -20.07 1.66 2.27
CA THR A 91 -20.52 2.75 3.12
C THR A 91 -19.58 2.98 4.26
N SER A 92 -19.06 4.17 4.35
CA SER A 92 -18.18 4.53 5.48
C SER A 92 -18.30 6.04 5.72
N ASN A 93 -18.22 6.46 6.96
CA ASN A 93 -18.23 7.92 7.23
C ASN A 93 -16.90 8.56 6.96
N THR A 94 -15.80 7.78 6.98
CA THR A 94 -14.46 8.30 7.10
C THR A 94 -13.59 8.18 5.88
N SER A 95 -12.45 8.92 5.84
CA SER A 95 -11.69 9.09 4.62
C SER A 95 -10.30 8.50 4.58
N HIS A 96 -9.79 7.99 5.74
CA HIS A 96 -8.38 7.58 5.85
C HIS A 96 -8.27 6.08 5.98
N TYR A 97 -7.41 5.49 5.11
CA TYR A 97 -7.30 4.04 5.05
C TYR A 97 -5.81 3.71 4.89
N ASP A 98 -5.49 2.46 4.57
CA ASP A 98 -4.14 2.12 4.13
C ASP A 98 -4.14 2.36 2.61
N THR A 99 -3.07 1.94 1.91
CA THR A 99 -3.10 1.98 0.46
C THR A 99 -2.55 0.73 -0.13
N TYR A 100 -2.97 0.46 -1.38
CA TYR A 100 -2.29 -0.49 -2.22
C TYR A 100 -1.49 0.31 -3.24
N CYS A 101 -0.38 -0.30 -3.75
CA CYS A 101 0.48 0.30 -4.79
C CYS A 101 0.76 -0.82 -5.79
N PHE A 102 1.08 -0.39 -7.02
CA PHE A 102 1.40 -1.28 -8.12
C PHE A 102 2.70 -0.85 -8.77
N ASN A 103 3.68 -1.78 -8.80
CA ASN A 103 4.99 -1.56 -9.41
CA ASN A 103 4.95 -1.51 -9.47
C ASN A 103 5.05 -2.44 -10.66
N ALA A 104 5.00 -1.85 -11.85
CA ALA A 104 5.01 -2.59 -13.10
C ALA A 104 6.29 -3.35 -13.34
N SER A 105 7.40 -2.98 -12.67
CA SER A 105 8.70 -3.64 -12.81
CA SER A 105 8.67 -3.68 -12.88
C SER A 105 8.92 -4.82 -11.89
N ALA A 106 7.97 -5.08 -10.98
CA ALA A 106 8.10 -6.20 -10.06
C ALA A 106 7.89 -7.53 -10.81
N PRO A 107 8.15 -8.67 -10.16
CA PRO A 107 7.93 -9.98 -10.82
C PRO A 107 6.45 -10.25 -11.11
N PRO A 108 6.18 -11.13 -12.08
CA PRO A 108 4.78 -11.34 -12.49
C PRO A 108 3.89 -12.08 -11.50
N GLU A 109 4.45 -12.89 -10.60
CA GLU A 109 3.62 -13.66 -9.70
C GLU A 109 3.93 -13.28 -8.26
N GLU A 110 4.06 -14.24 -7.33
CA GLU A 110 4.33 -13.92 -5.93
C GLU A 110 5.80 -13.53 -5.75
N ASP A 111 6.05 -12.38 -5.14
CA ASP A 111 7.38 -11.93 -4.80
C ASP A 111 7.40 -11.61 -3.32
N CYS A 112 7.83 -12.55 -2.52
CA CYS A 112 7.89 -12.35 -1.10
C CYS A 112 9.29 -12.07 -0.59
N THR A 113 10.12 -11.47 -1.45
CA THR A 113 11.37 -10.90 -0.97
C THR A 113 11.00 -9.58 -0.25
N SER A 114 11.92 -9.07 0.55
CA SER A 114 11.72 -7.82 1.25
C SER A 114 11.97 -6.60 0.38
N VAL A 115 11.38 -5.47 0.80
CA VAL A 115 11.56 -4.16 0.16
C VAL A 115 12.75 -3.47 0.85
N THR A 116 13.75 -3.06 0.05
CA THR A 116 15.04 -2.55 0.53
C THR A 116 15.38 -1.18 -0.03
N ASP A 117 14.40 -0.42 -0.52
CA ASP A 117 14.63 0.91 -1.07
C ASP A 117 13.32 1.66 -1.13
N LEU A 118 13.40 3.00 -1.13
CA LEU A 118 12.27 3.90 -1.36
C LEU A 118 12.88 4.81 -2.45
N PRO A 119 12.80 4.35 -3.72
CA PRO A 119 13.64 4.96 -4.76
C PRO A 119 13.31 6.34 -5.23
N ASN A 120 12.06 6.75 -5.09
CA ASN A 120 11.63 8.03 -5.62
C ASN A 120 11.12 8.99 -4.60
N SER A 121 11.57 8.87 -3.35
CA SER A 121 11.27 9.89 -2.36
C SER A 121 12.09 11.16 -2.71
N PHE A 122 11.63 12.29 -2.21
CA PHE A 122 12.34 13.53 -2.49
CA PHE A 122 12.23 13.60 -2.44
C PHE A 122 13.04 14.04 -1.23
N ASP A 123 13.85 15.11 -1.40
CA ASP A 123 14.58 15.69 -0.26
C ASP A 123 13.54 16.17 0.79
N GLY A 124 13.84 15.94 2.05
CA GLY A 124 12.97 16.38 3.13
C GLY A 124 13.51 16.01 4.47
N PRO A 125 12.76 16.35 5.52
CA PRO A 125 13.29 16.20 6.88
C PRO A 125 12.85 14.96 7.64
N VAL A 126 12.01 14.10 7.05
CA VAL A 126 11.42 12.99 7.79
C VAL A 126 12.26 11.73 7.71
N THR A 127 12.43 11.00 8.83
CA THR A 127 13.06 9.68 8.75
C THR A 127 11.95 8.71 8.37
N ILE A 128 12.02 8.16 7.16
CA ILE A 128 10.99 7.25 6.67
C ILE A 128 11.54 5.85 6.78
N THR A 129 10.85 4.97 7.50
CA THR A 129 11.30 3.60 7.65
C THR A 129 10.35 2.62 7.00
N ILE A 130 10.87 1.82 6.05
CA ILE A 130 10.12 0.73 5.44
CA ILE A 130 10.13 0.73 5.44
C ILE A 130 10.31 -0.46 6.37
N VAL A 131 9.20 -1.01 6.83
CA VAL A 131 9.16 -2.16 7.72
C VAL A 131 8.57 -3.33 6.95
N ASN A 132 9.35 -4.40 6.80
CA ASN A 132 8.85 -5.62 6.15
C ASN A 132 8.16 -6.52 7.16
N ARG A 133 7.38 -7.49 6.68
CA ARG A 133 6.67 -8.39 7.57
C ARG A 133 7.65 -9.25 8.38
N ASP A 134 8.86 -9.53 7.81
CA ASP A 134 9.90 -10.26 8.54
C ASP A 134 10.72 -9.37 9.46
N GLY A 135 10.33 -8.10 9.62
CA GLY A 135 10.96 -7.17 10.54
C GLY A 135 12.14 -6.41 9.98
N THR A 136 12.67 -6.84 8.82
CA THR A 136 13.80 -6.11 8.25
C THR A 136 13.36 -4.72 7.85
N ARG A 137 14.25 -3.76 8.07
CA ARG A 137 13.97 -2.35 7.89
C ARG A 137 14.94 -1.66 6.98
N TYR A 138 14.46 -0.64 6.29
CA TYR A 138 15.27 0.25 5.44
C TYR A 138 14.81 1.66 5.79
N SER A 139 15.73 2.55 6.15
CA SER A 139 15.35 3.91 6.51
C SER A 139 16.07 4.93 5.65
N LYS A 140 15.43 6.06 5.38
CA LYS A 140 16.08 7.15 4.65
CA LYS A 140 15.97 7.11 4.53
C LYS A 140 15.38 8.44 5.00
N LYS A 141 16.14 9.53 4.96
CA LYS A 141 15.63 10.86 5.26
C LYS A 141 15.02 11.42 3.98
N GLY A 142 13.79 11.91 4.06
CA GLY A 142 13.16 12.49 2.88
C GLY A 142 11.76 12.94 3.13
N GLU A 143 11.01 13.01 2.06
CA GLU A 143 9.61 13.37 2.10
C GLU A 143 8.95 12.77 0.85
N TYR A 144 7.64 12.49 0.91
CA TYR A 144 6.90 12.04 -0.26
C TYR A 144 5.57 12.80 -0.42
N ARG A 145 5.12 13.55 0.61
CA ARG A 145 3.82 14.25 0.57
C ARG A 145 3.93 15.57 -0.16
N THR A 146 3.14 15.75 -1.22
CA THR A 146 3.13 17.00 -2.02
C THR A 146 1.98 17.92 -1.64
N HIS A 147 1.00 17.46 -0.83
CA HIS A 147 -0.15 18.28 -0.42
C HIS A 147 0.02 18.67 1.04
N GLN A 148 0.03 19.98 1.35
CA GLN A 148 0.21 20.46 2.72
C GLN A 148 -0.81 19.89 3.73
N GLU A 149 -2.07 19.73 3.33
CA GLU A 149 -3.11 19.20 4.22
C GLU A 149 -2.85 17.76 4.68
N ASP A 150 -1.93 17.03 4.01
CA ASP A 150 -1.55 15.68 4.42
C ASP A 150 -0.38 15.69 5.43
N ILE A 151 0.20 16.85 5.75
CA ILE A 151 1.34 16.92 6.65
C ILE A 151 0.96 17.41 8.05
#